data_4M7J
#
_entry.id   4M7J
#
_cell.length_a   74.464
_cell.length_b   74.464
_cell.length_c   149.893
_cell.angle_alpha   90.000
_cell.angle_beta   90.000
_cell.angle_gamma   120.000
#
_symmetry.space_group_name_H-M   'P 32 2 1'
#
loop_
_entity.id
_entity.type
_entity.pdbx_description
1 polymer 'S25-26 Fab (IgG1k) heavy chain'
2 polymer 'S25-26 Fab (Igg1k) light chain'
3 branched '3-deoxy-alpha-D-manno-oct-2-ulopyranosonic acid-(2-8)-3-deoxy-alpha-D-manno-oct-2-ulopyranosonic acid-(2-4)-prop-2-en-1-yl 3-deoxy-alpha-D-manno-oct-2-ulopyranosidonic acid'
4 non-polymer 2-acetamido-2-deoxy-beta-D-glucopyranose
5 non-polymer 'POTASSIUM ION'
6 non-polymer DI(HYDROXYETHYL)ETHER
7 water water
#
loop_
_entity_poly.entity_id
_entity_poly.type
_entity_poly.pdbx_seq_one_letter_code
_entity_poly.pdbx_strand_id
1 'polypeptide(L)'
;EVQLKESGPGLVQPSQSLSITCTVSGFSLTTYGVHWVRQSPGKGLEWLGVIWSGGSTDYNAAFISRLSISKDNSKSHVFF
KMNSLQANDTAIYYCARMRITTDWFAYWGQGTLVTVSAAKTTPPSVYPLAPGSAAQTNSMVTLGCLVKGYFPEPVTVTWN
SGSLSSGVHTFPAVLQSDLYTLSSSVTVPSSTWPSETVTCNVAHPASSTKVDKKIVPRD
;
H
2 'polypeptide(L)'
;DILMNQTPLSLPVSLGDQASISCRSSQYIVHRNGNTYLEWYLQKPGQSPKLLIYKVSNRFSGVPDRFSGSGSGTDFTLKI
SRVEAEDLGVYYCFQGSHVPYTFGGGTKLELKRADAAPTVSIFPPSSEQLTSGGASVVCFLNNFYPKDINVKWKIDGSER
QNGVLNSWTDQDSKDSTYSMSSTLTLTKDEYERHNSYTCEATHKTSTSPIVKSFNRNEC
;
L
#
loop_
_chem_comp.id
_chem_comp.type
_chem_comp.name
_chem_comp.formula
K non-polymer 'POTASSIUM ION' 'K 1'
KDA D-saccharide 'prop-2-en-1-yl 3-deoxy-alpha-D-manno-oct-2-ulopyranosidonic acid' 'C11 H18 O8'
KDO D-saccharide, alpha linking '3-deoxy-alpha-D-manno-oct-2-ulopyranosonic acid' 'C8 H14 O8'
NAG D-saccharide, beta linking 2-acetamido-2-deoxy-beta-D-glucopyranose 'C8 H15 N O6'
PEG non-polymer DI(HYDROXYETHYL)ETHER 'C4 H10 O3'
#
# COMPACT_ATOMS: atom_id res chain seq x y z
N GLU A 1 26.34 -3.63 6.66
CA GLU A 1 27.48 -3.13 7.49
C GLU A 1 26.96 -2.37 8.75
N VAL A 2 26.11 -1.36 8.57
CA VAL A 2 25.16 -1.03 9.64
C VAL A 2 23.88 -1.74 9.26
N GLN A 3 23.39 -2.61 10.14
CA GLN A 3 22.15 -3.35 9.88
C GLN A 3 21.32 -3.43 11.13
N LEU A 4 20.02 -3.21 10.97
CA LEU A 4 19.04 -3.52 12.01
C LEU A 4 18.11 -4.62 11.48
N LYS A 5 18.32 -5.83 11.99
CA LYS A 5 17.60 -7.02 11.53
C LYS A 5 16.45 -7.29 12.48
N GLU A 6 15.24 -7.37 11.94
CA GLU A 6 14.05 -7.60 12.77
C GLU A 6 13.61 -9.07 12.72
N SER A 7 13.18 -9.62 13.85
CA SER A 7 12.66 -10.97 13.86
C SER A 7 11.48 -11.04 14.81
N GLY A 8 10.48 -11.81 14.41
CA GLY A 8 9.26 -12.01 15.18
C GLY A 8 8.08 -12.35 14.27
N PRO A 9 6.90 -12.54 14.87
CA PRO A 9 5.75 -13.04 14.13
C PRO A 9 5.17 -12.00 13.20
N GLY A 10 4.60 -12.47 12.10
CA GLY A 10 3.84 -11.63 11.19
C GLY A 10 2.33 -11.73 11.42
N LEU A 11 1.94 -12.52 12.43
CA LEU A 11 0.52 -12.80 12.73
C LEU A 11 0.32 -12.77 14.23
N VAL A 12 -0.63 -11.96 14.72
CA VAL A 12 -0.95 -11.89 16.14
C VAL A 12 -2.48 -12.00 16.32
N GLN A 13 -2.91 -12.82 17.28
CA GLN A 13 -4.34 -12.99 17.57
C GLN A 13 -4.87 -11.76 18.29
N PRO A 14 -6.11 -11.36 17.99
CA PRO A 14 -6.68 -10.26 18.73
C PRO A 14 -6.55 -10.47 20.22
N SER A 15 -6.16 -9.40 20.94
CA SER A 15 -5.90 -9.40 22.39
C SER A 15 -4.56 -9.98 22.83
N GLN A 16 -3.76 -10.49 21.90
CA GLN A 16 -2.46 -11.05 22.24
C GLN A 16 -1.37 -10.03 22.01
N SER A 17 -0.15 -10.40 22.35
CA SER A 17 0.96 -9.51 22.28
C SER A 17 1.90 -9.76 21.07
N LEU A 18 2.60 -8.69 20.74
CA LEU A 18 3.52 -8.66 19.62
C LEU A 18 4.85 -8.47 20.23
N SER A 19 5.77 -9.39 19.93
CA SER A 19 7.15 -9.27 20.32
C SER A 19 8.04 -9.22 19.06
N ILE A 20 8.94 -8.25 19.01
CA ILE A 20 9.95 -8.14 17.92
C ILE A 20 11.31 -7.95 18.56
N THR A 21 12.29 -8.66 18.01
CA THR A 21 13.68 -8.41 18.34
C THR A 21 14.37 -7.65 17.21
N CYS A 22 15.09 -6.59 17.58
CA CYS A 22 15.92 -5.82 16.66
C CYS A 22 17.39 -6.12 16.98
N THR A 23 18.05 -6.81 16.08
CA THR A 23 19.44 -7.16 16.23
C THR A 23 20.27 -6.13 15.49
N VAL A 24 21.04 -5.37 16.25
CA VAL A 24 21.79 -4.24 15.72
C VAL A 24 23.25 -4.60 15.50
N SER A 25 23.77 -4.25 14.32
CA SER A 25 25.19 -4.34 14.09
C SER A 25 25.67 -3.03 13.44
N GLY A 26 26.89 -2.64 13.77
CA GLY A 26 27.53 -1.48 13.11
C GLY A 26 27.71 -0.24 13.96
N PHE A 27 26.95 -0.14 15.05
CA PHE A 27 27.20 0.83 16.11
C PHE A 27 26.86 0.25 17.49
N SER A 28 27.28 0.95 18.55
CA SER A 28 27.04 0.43 19.89
C SER A 28 25.76 0.95 20.51
N LEU A 29 24.96 0.02 21.06
CA LEU A 29 23.79 0.36 21.83
C LEU A 29 24.10 1.12 23.08
N THR A 30 25.35 1.07 23.53
CA THR A 30 25.73 1.82 24.71
C THR A 30 26.09 3.26 24.39
N THR A 31 26.11 3.62 23.10
CA THR A 31 26.33 5.01 22.65
C THR A 31 25.09 5.68 22.03
N TYR A 32 24.22 4.88 21.41
CA TYR A 32 23.11 5.40 20.57
C TYR A 32 21.75 4.78 20.91
N GLY A 33 20.74 5.64 20.95
CA GLY A 33 19.35 5.20 21.08
C GLY A 33 18.77 4.51 19.84
N VAL A 34 17.83 3.62 20.08
CA VAL A 34 17.10 2.93 19.03
C VAL A 34 15.61 3.15 19.23
N HIS A 35 14.94 3.55 18.15
CA HIS A 35 13.51 3.92 18.20
C HIS A 35 12.66 2.85 17.55
N TRP A 36 11.38 2.87 17.87
CA TRP A 36 10.39 2.00 17.26
C TRP A 36 9.25 2.82 16.66
N VAL A 37 8.91 2.47 15.43
CA VAL A 37 7.99 3.23 14.59
C VAL A 37 7.09 2.20 13.92
N ARG A 38 5.84 2.54 13.67
CA ARG A 38 5.01 1.71 12.78
C ARG A 38 4.33 2.53 11.66
N GLN A 39 3.85 1.81 10.65
CA GLN A 39 3.21 2.39 9.47
C GLN A 39 1.96 1.64 9.13
N SER A 40 0.84 2.35 9.04
CA SER A 40 -0.47 1.77 8.80
C SER A 40 -1.25 2.67 7.86
N PRO A 41 -2.19 2.11 7.08
CA PRO A 41 -2.90 2.98 6.14
C PRO A 41 -3.89 3.92 6.85
N GLY A 42 -4.37 3.55 8.03
CA GLY A 42 -5.17 4.45 8.85
C GLY A 42 -4.41 5.65 9.40
N LYS A 43 -3.20 5.44 9.92
CA LYS A 43 -2.49 6.50 10.66
C LYS A 43 -1.15 6.90 10.07
N GLY A 44 -0.77 6.32 8.95
CA GLY A 44 0.53 6.62 8.36
C GLY A 44 1.63 6.23 9.32
N LEU A 45 2.67 7.05 9.41
CA LEU A 45 3.79 6.73 10.29
C LEU A 45 3.56 7.24 11.68
N GLU A 46 3.80 6.38 12.68
CA GLU A 46 3.62 6.70 14.08
C GLU A 46 4.85 6.28 14.85
N TRP A 47 5.36 7.18 15.66
CA TRP A 47 6.51 6.90 16.50
C TRP A 47 5.98 6.35 17.79
N LEU A 48 6.58 5.25 18.24
CA LEU A 48 6.04 4.54 19.35
C LEU A 48 6.86 4.69 20.63
N GLY A 49 8.18 4.70 20.47
CA GLY A 49 9.05 4.96 21.61
C GLY A 49 10.50 4.76 21.27
N VAL A 50 11.34 4.88 22.32
CA VAL A 50 12.78 4.86 22.17
C VAL A 50 13.47 4.37 23.44
N ILE A 51 14.58 3.67 23.26
CA ILE A 51 15.44 3.28 24.39
C ILE A 51 16.80 3.90 24.14
N TRP A 52 17.16 4.79 25.05
CA TRP A 52 18.38 5.53 24.96
C TRP A 52 19.57 4.67 25.41
N SER A 53 20.75 5.20 25.22
CA SER A 53 21.98 4.45 25.43
C SER A 53 22.08 3.91 26.87
N GLY A 54 21.65 4.72 27.82
CA GLY A 54 21.67 4.39 29.25
C GLY A 54 20.55 3.49 29.74
N GLY A 55 19.61 3.18 28.85
CA GLY A 55 18.49 2.31 29.18
C GLY A 55 17.25 3.07 29.58
N SER A 56 17.33 4.39 29.78
CA SER A 56 16.10 5.15 29.99
C SER A 56 15.27 5.09 28.69
N THR A 57 13.96 5.28 28.82
CA THR A 57 13.03 5.14 27.70
C THR A 57 12.09 6.35 27.63
N ASP A 58 11.67 6.68 26.42
CA ASP A 58 10.49 7.53 26.19
C ASP A 58 9.51 6.77 25.31
N TYR A 59 8.24 6.85 25.66
CA TYR A 59 7.15 6.22 24.95
C TYR A 59 6.13 7.26 24.46
N ASN A 60 5.52 7.01 23.31
CA ASN A 60 4.32 7.72 22.90
C ASN A 60 3.21 7.39 23.90
N ALA A 61 2.66 8.41 24.52
CA ALA A 61 1.71 8.23 25.61
C ALA A 61 0.38 7.56 25.20
N ALA A 62 0.04 7.57 23.91
CA ALA A 62 -1.08 6.75 23.43
C ALA A 62 -0.82 5.24 23.51
N PHE A 63 0.43 4.83 23.75
CA PHE A 63 0.81 3.41 23.79
C PHE A 63 1.43 2.99 25.10
N ILE A 64 1.81 3.97 25.92
CA ILE A 64 2.58 3.73 27.12
C ILE A 64 1.99 2.62 27.99
N SER A 65 0.67 2.49 27.99
CA SER A 65 0.01 1.54 28.89
C SER A 65 0.18 0.09 28.45
N ARG A 66 0.61 -0.13 27.22
CA ARG A 66 0.76 -1.49 26.71
C ARG A 66 2.07 -1.78 25.97
N LEU A 67 3.03 -0.87 26.09
CA LEU A 67 4.25 -0.94 25.30
C LEU A 67 5.42 -1.06 26.25
N SER A 68 6.40 -1.89 25.86
CA SER A 68 7.64 -1.98 26.59
C SER A 68 8.79 -2.14 25.62
N ILE A 69 9.85 -1.38 25.83
CA ILE A 69 11.08 -1.49 25.05
C ILE A 69 12.20 -1.75 26.05
N SER A 70 13.00 -2.78 25.80
CA SER A 70 14.15 -3.06 26.65
C SER A 70 15.27 -3.45 25.71
N LYS A 71 16.45 -3.73 26.26
CA LYS A 71 17.59 -4.16 25.46
C LYS A 71 18.62 -4.98 26.25
N ASP A 72 19.48 -5.63 25.47
CA ASP A 72 20.62 -6.38 25.97
C ASP A 72 21.85 -5.83 25.27
N ASN A 73 22.55 -4.92 25.94
CA ASN A 73 23.76 -4.32 25.37
C ASN A 73 24.78 -5.35 24.95
N SER A 74 24.92 -6.43 25.70
CA SER A 74 25.96 -7.43 25.39
C SER A 74 25.67 -8.22 24.12
N LYS A 75 24.41 -8.54 23.85
CA LYS A 75 24.05 -9.22 22.62
C LYS A 75 23.71 -8.24 21.48
N SER A 76 23.46 -6.98 21.80
CA SER A 76 23.11 -5.96 20.81
C SER A 76 21.71 -6.20 20.27
N HIS A 77 20.80 -6.51 21.17
CA HIS A 77 19.42 -6.75 20.82
C HIS A 77 18.58 -5.69 21.48
N VAL A 78 17.61 -5.16 20.74
CA VAL A 78 16.56 -4.33 21.33
C VAL A 78 15.25 -5.07 21.19
N PHE A 79 14.46 -5.07 22.26
CA PHE A 79 13.27 -5.84 22.34
C PHE A 79 12.06 -4.93 22.42
N PHE A 80 11.09 -5.23 21.57
CA PHE A 80 9.81 -4.51 21.52
C PHE A 80 8.71 -5.47 21.94
N LYS A 81 7.82 -5.03 22.84
CA LYS A 81 6.65 -5.82 23.21
C LYS A 81 5.46 -4.90 23.40
N MET A 82 4.42 -5.17 22.63
CA MET A 82 3.20 -4.45 22.77
C MET A 82 2.10 -5.42 23.11
N ASN A 83 1.28 -5.06 24.10
CA ASN A 83 0.18 -5.94 24.53
C ASN A 83 -1.16 -5.62 23.86
N SER A 84 -2.06 -6.59 23.89
CA SER A 84 -3.49 -6.38 23.67
C SER A 84 -3.74 -5.78 22.31
N LEU A 85 -3.25 -6.46 21.28
CA LEU A 85 -3.38 -5.94 19.95
C LEU A 85 -4.80 -6.14 19.44
N GLN A 86 -5.22 -5.21 18.61
CA GLN A 86 -6.55 -5.22 18.04
C GLN A 86 -6.35 -5.03 16.53
N ALA A 87 -7.42 -5.23 15.77
CA ALA A 87 -7.33 -5.21 14.31
C ALA A 87 -6.62 -3.99 13.79
N ASN A 88 -6.89 -2.84 14.40
CA ASN A 88 -6.26 -1.62 13.94
C ASN A 88 -4.81 -1.45 14.34
N ASP A 89 -4.21 -2.46 14.97
CA ASP A 89 -2.74 -2.47 15.18
C ASP A 89 -2.01 -3.21 14.04
N THR A 90 -2.75 -3.74 13.09
CA THR A 90 -2.19 -4.27 11.88
C THR A 90 -1.35 -3.15 11.21
N ALA A 91 -0.06 -3.40 10.96
CA ALA A 91 0.85 -2.34 10.49
C ALA A 91 2.17 -2.95 10.18
N ILE A 92 3.04 -2.18 9.53
CA ILE A 92 4.44 -2.55 9.43
C ILE A 92 5.17 -1.90 10.59
N TYR A 93 5.90 -2.70 11.35
CA TYR A 93 6.62 -2.21 12.52
C TYR A 93 8.10 -2.10 12.18
N TYR A 94 8.77 -1.07 12.66
CA TYR A 94 10.17 -0.86 12.41
C TYR A 94 10.96 -0.49 13.65
N CYS A 95 12.19 -1.02 13.73
CA CYS A 95 13.18 -0.44 14.62
C CYS A 95 14.05 0.45 13.76
N ALA A 96 14.59 1.52 14.34
CA ALA A 96 15.33 2.50 13.56
C ALA A 96 16.14 3.42 14.43
N ARG A 97 17.29 3.82 13.91
CA ARG A 97 18.01 4.91 14.51
C ARG A 97 17.67 6.15 13.69
N MET A 98 17.09 7.13 14.36
CA MET A 98 16.69 8.36 13.74
C MET A 98 16.97 9.52 14.68
N ARG A 99 16.64 10.74 14.22
CA ARG A 99 16.78 11.93 15.07
C ARG A 99 18.23 12.05 15.54
N ILE A 100 19.13 12.03 14.56
CA ILE A 100 20.55 12.01 14.84
C ILE A 100 21.10 13.43 15.06
N THR A 101 22.23 13.52 15.75
CA THR A 101 22.93 14.81 15.95
C THR A 101 24.32 14.78 15.35
N THR A 102 25.15 13.88 15.87
CA THR A 102 26.58 13.87 15.57
C THR A 102 26.94 12.74 14.62
N ASP A 103 26.16 11.66 14.67
CA ASP A 103 26.49 10.39 14.04
C ASP A 103 25.80 10.22 12.69
N TRP A 104 26.25 9.22 11.94
CA TRP A 104 25.72 8.91 10.63
C TRP A 104 25.17 7.47 10.61
N PHE A 105 24.66 7.01 11.75
CA PHE A 105 24.03 5.68 11.85
C PHE A 105 22.52 5.67 11.63
N ALA A 106 21.97 6.68 10.95
CA ALA A 106 20.52 6.72 10.67
C ALA A 106 20.12 5.64 9.69
N TYR A 107 19.72 4.50 10.23
CA TYR A 107 19.24 3.42 9.38
C TYR A 107 18.03 2.75 10.03
N TRP A 108 17.17 2.20 9.18
CA TRP A 108 15.96 1.54 9.63
C TRP A 108 16.07 0.04 9.35
N GLY A 109 15.40 -0.74 10.17
CA GLY A 109 15.23 -2.15 9.89
C GLY A 109 14.31 -2.35 8.69
N GLN A 110 14.32 -3.58 8.19
CA GLN A 110 13.57 -3.96 6.99
C GLN A 110 12.07 -3.97 7.20
N GLY A 111 11.60 -3.90 8.43
CA GLY A 111 10.17 -3.75 8.64
C GLY A 111 9.51 -5.11 8.80
N THR A 112 8.60 -5.22 9.75
CA THR A 112 7.92 -6.47 10.03
C THR A 112 6.46 -6.25 9.83
N LEU A 113 5.87 -6.87 8.83
CA LEU A 113 4.44 -6.74 8.61
C LEU A 113 3.67 -7.59 9.61
N VAL A 114 2.91 -6.94 10.48
CA VAL A 114 2.13 -7.65 11.53
C VAL A 114 0.66 -7.52 11.18
N THR A 115 -0.01 -8.66 11.02
CA THR A 115 -1.45 -8.71 10.81
C THR A 115 -2.13 -9.20 12.08
N VAL A 116 -3.11 -8.46 12.57
CA VAL A 116 -3.85 -8.87 13.77
C VAL A 116 -5.18 -9.46 13.32
N SER A 117 -5.36 -10.75 13.52
CA SER A 117 -6.54 -11.49 13.01
C SER A 117 -6.67 -12.83 13.71
N ALA A 118 -7.92 -13.32 13.84
CA ALA A 118 -8.23 -14.64 14.40
C ALA A 118 -8.44 -15.65 13.27
N ALA A 119 -8.26 -15.18 12.03
CA ALA A 119 -8.51 -16.04 10.87
C ALA A 119 -7.63 -17.29 10.88
N LYS A 120 -8.19 -18.38 10.35
CA LYS A 120 -7.44 -19.62 10.10
C LYS A 120 -6.90 -19.65 8.68
N THR A 121 -5.78 -20.33 8.48
CA THR A 121 -5.22 -20.51 7.12
C THR A 121 -6.24 -21.12 6.19
N THR A 122 -6.37 -20.56 5.01
CA THR A 122 -7.52 -20.83 4.17
C THR A 122 -7.08 -20.63 2.72
N PRO A 123 -7.33 -21.63 1.86
CA PRO A 123 -6.87 -21.48 0.49
C PRO A 123 -7.86 -20.63 -0.31
N PRO A 124 -7.40 -20.02 -1.42
CA PRO A 124 -8.29 -19.18 -2.23
C PRO A 124 -9.24 -20.01 -3.09
N SER A 125 -10.37 -19.41 -3.45
CA SER A 125 -11.09 -19.84 -4.63
C SER A 125 -10.51 -19.03 -5.81
N VAL A 126 -10.32 -19.67 -6.94
CA VAL A 126 -9.87 -18.99 -8.17
C VAL A 126 -10.95 -19.05 -9.24
N TYR A 127 -11.64 -17.94 -9.44
CA TYR A 127 -12.71 -17.85 -10.43
C TYR A 127 -12.18 -17.13 -11.66
N PRO A 128 -12.45 -17.68 -12.86
CA PRO A 128 -12.03 -17.05 -14.08
C PRO A 128 -13.00 -15.92 -14.40
N LEU A 129 -12.47 -14.81 -14.91
CA LEU A 129 -13.28 -13.66 -15.34
C LEU A 129 -13.21 -13.57 -16.84
N ALA A 130 -14.32 -13.94 -17.49
CA ALA A 130 -14.48 -13.79 -18.92
C ALA A 130 -15.65 -12.86 -19.20
N PRO A 131 -15.57 -12.11 -20.32
CA PRO A 131 -16.67 -11.28 -20.81
C PRO A 131 -18.00 -12.02 -20.76
N GLY A 132 -19.10 -11.30 -20.49
CA GLY A 132 -20.42 -11.87 -20.63
C GLY A 132 -20.67 -12.31 -22.07
N SER A 133 -21.52 -13.31 -22.26
CA SER A 133 -21.92 -13.75 -23.61
C SER A 133 -22.24 -12.54 -24.48
N ALA A 134 -23.11 -11.67 -23.96
CA ALA A 134 -23.42 -10.40 -24.61
C ALA A 134 -22.52 -9.30 -24.05
N ALA A 135 -21.80 -8.56 -24.90
CA ALA A 135 -21.63 -8.85 -26.32
C ALA A 135 -20.26 -9.51 -26.55
N GLN A 136 -19.12 -8.86 -26.24
CA GLN A 136 -18.87 -7.42 -26.43
C GLN A 136 -17.41 -7.34 -26.88
N THR A 137 -17.20 -6.94 -28.13
CA THR A 137 -15.87 -7.05 -28.76
C THR A 137 -15.34 -5.76 -29.39
N ASN A 138 -14.08 -5.48 -29.07
CA ASN A 138 -13.22 -4.53 -29.78
C ASN A 138 -11.81 -4.81 -29.29
N SER A 139 -10.78 -4.49 -30.07
CA SER A 139 -9.40 -4.71 -29.60
C SER A 139 -9.00 -3.76 -28.43
N MET A 140 -8.31 -4.24 -27.40
CA MET A 140 -7.92 -5.63 -27.20
C MET A 140 -9.05 -6.36 -26.44
N VAL A 141 -8.77 -7.53 -25.86
CA VAL A 141 -9.72 -8.13 -24.91
C VAL A 141 -9.07 -8.22 -23.54
N THR A 142 -9.80 -7.78 -22.53
CA THR A 142 -9.36 -7.83 -21.14
C THR A 142 -10.04 -9.02 -20.46
N LEU A 143 -9.24 -9.85 -19.81
CA LEU A 143 -9.73 -11.01 -19.05
C LEU A 143 -9.23 -10.88 -17.62
N GLY A 144 -9.54 -11.86 -16.76
CA GLY A 144 -9.09 -11.78 -15.39
C GLY A 144 -9.25 -13.04 -14.55
N CYS A 145 -8.70 -12.99 -13.34
CA CYS A 145 -8.90 -14.04 -12.35
C CYS A 145 -9.27 -13.36 -11.05
N LEU A 146 -10.26 -13.92 -10.39
CA LEU A 146 -10.72 -13.45 -9.08
C LEU A 146 -10.20 -14.46 -8.07
N VAL A 147 -9.41 -14.01 -7.12
CA VAL A 147 -8.75 -14.91 -6.17
C VAL A 147 -9.36 -14.54 -4.84
N LYS A 148 -10.29 -15.37 -4.35
CA LYS A 148 -11.22 -14.93 -3.31
C LYS A 148 -11.17 -15.81 -2.06
N GLY A 149 -11.23 -15.15 -0.91
CA GLY A 149 -11.32 -15.79 0.41
C GLY A 149 -10.11 -16.56 0.88
N TYR A 150 -8.93 -15.92 0.92
CA TYR A 150 -7.75 -16.62 1.38
C TYR A 150 -7.17 -15.96 2.60
N PHE A 151 -6.36 -16.72 3.31
CA PHE A 151 -5.64 -16.22 4.45
C PHE A 151 -4.49 -17.15 4.76
N PRO A 152 -3.33 -16.59 5.12
CA PRO A 152 -2.98 -15.16 5.15
C PRO A 152 -2.48 -14.73 3.79
N GLU A 153 -2.03 -13.49 3.68
CA GLU A 153 -1.24 -13.07 2.52
C GLU A 153 0.14 -13.75 2.55
N PRO A 154 0.77 -13.90 1.37
CA PRO A 154 0.29 -13.45 0.07
C PRO A 154 -0.20 -14.56 -0.85
N VAL A 155 -0.75 -14.16 -2.00
CA VAL A 155 -0.80 -15.02 -3.19
C VAL A 155 0.01 -14.37 -4.31
N THR A 156 0.59 -15.18 -5.21
CA THR A 156 1.13 -14.70 -6.46
C THR A 156 0.23 -15.10 -7.63
N VAL A 157 0.25 -14.30 -8.68
CA VAL A 157 -0.51 -14.59 -9.89
C VAL A 157 0.36 -14.24 -11.06
N THR A 158 0.55 -15.21 -11.95
CA THR A 158 1.19 -15.00 -13.22
C THR A 158 0.19 -15.48 -14.28
N TRP A 159 0.44 -15.14 -15.54
CA TRP A 159 -0.44 -15.55 -16.64
C TRP A 159 0.34 -16.35 -17.68
N ASN A 160 -0.27 -17.42 -18.18
CA ASN A 160 0.37 -18.42 -19.03
C ASN A 160 1.82 -18.67 -18.60
N SER A 161 1.98 -19.03 -17.31
CA SER A 161 3.30 -19.29 -16.71
C SER A 161 4.28 -18.12 -16.87
N GLY A 162 3.76 -16.90 -16.92
CA GLY A 162 4.59 -15.71 -17.05
C GLY A 162 4.87 -15.23 -18.47
N SER A 163 4.27 -15.86 -19.48
CA SER A 163 4.44 -15.44 -20.88
C SER A 163 3.82 -14.07 -21.16
N LEU A 164 2.65 -13.83 -20.54
CA LEU A 164 1.93 -12.56 -20.67
C LEU A 164 2.33 -11.72 -19.49
N SER A 165 3.59 -11.28 -19.49
CA SER A 165 4.10 -10.42 -18.45
C SER A 165 3.50 -9.03 -18.64
N SER A 166 3.39 -8.59 -19.88
CA SER A 166 2.91 -7.25 -20.21
C SER A 166 1.39 -7.23 -20.33
N GLY A 167 0.79 -6.11 -19.94
CA GLY A 167 -0.66 -5.94 -20.01
C GLY A 167 -1.38 -6.59 -18.83
N VAL A 168 -0.70 -6.66 -17.70
CA VAL A 168 -1.26 -7.28 -16.49
C VAL A 168 -1.31 -6.25 -15.38
N HIS A 169 -2.45 -6.20 -14.69
CA HIS A 169 -2.55 -5.49 -13.43
C HIS A 169 -3.10 -6.45 -12.40
N THR A 170 -2.30 -6.72 -11.38
CA THR A 170 -2.67 -7.53 -10.24
C THR A 170 -2.82 -6.54 -9.09
N PHE A 171 -4.02 -6.43 -8.55
CA PHE A 171 -4.39 -5.40 -7.57
C PHE A 171 -4.10 -5.82 -6.15
N PRO A 172 -3.90 -4.84 -5.22
CA PRO A 172 -3.72 -5.18 -3.81
C PRO A 172 -4.94 -5.88 -3.20
N ALA A 173 -4.68 -6.81 -2.31
CA ALA A 173 -5.72 -7.51 -1.58
C ALA A 173 -6.50 -6.59 -0.69
N VAL A 174 -7.81 -6.82 -0.60
CA VAL A 174 -8.64 -6.18 0.41
C VAL A 174 -9.27 -7.28 1.28
N LEU A 175 -9.68 -6.90 2.48
CA LEU A 175 -10.33 -7.78 3.45
C LEU A 175 -11.84 -7.78 3.20
N GLN A 176 -12.45 -8.95 2.97
CA GLN A 176 -13.91 -9.10 3.12
C GLN A 176 -14.20 -10.28 4.02
N SER A 177 -15.05 -10.03 5.00
CA SER A 177 -15.16 -10.87 6.17
C SER A 177 -13.81 -10.74 6.89
N ASP A 178 -13.18 -11.89 7.11
CA ASP A 178 -11.90 -12.04 7.77
C ASP A 178 -10.94 -12.67 6.77
N LEU A 179 -11.24 -12.61 5.50
CA LEU A 179 -10.38 -13.23 4.50
C LEU A 179 -10.01 -12.22 3.44
N TYR A 180 -8.97 -12.54 2.67
CA TYR A 180 -8.48 -11.64 1.61
C TYR A 180 -9.04 -11.97 0.25
N THR A 181 -9.25 -10.93 -0.56
CA THR A 181 -9.62 -11.10 -1.95
C THR A 181 -8.85 -10.13 -2.84
N LEU A 182 -8.38 -10.61 -3.97
CA LEU A 182 -7.91 -9.72 -5.03
C LEU A 182 -8.22 -10.25 -6.41
N SER A 183 -7.95 -9.43 -7.42
CA SER A 183 -8.10 -9.87 -8.79
C SER A 183 -6.90 -9.39 -9.61
N SER A 184 -6.67 -10.11 -10.70
CA SER A 184 -5.65 -9.74 -11.68
C SER A 184 -6.37 -9.63 -13.02
N SER A 185 -6.07 -8.56 -13.77
CA SER A 185 -6.56 -8.43 -15.13
C SER A 185 -5.42 -8.68 -16.10
N VAL A 186 -5.77 -9.16 -17.28
CA VAL A 186 -4.80 -9.23 -18.37
C VAL A 186 -5.46 -8.80 -19.67
N THR A 187 -4.74 -8.00 -20.46
CA THR A 187 -5.24 -7.53 -21.76
C THR A 187 -4.38 -8.09 -22.91
N VAL A 188 -5.01 -8.81 -23.84
CA VAL A 188 -4.31 -9.52 -24.91
C VAL A 188 -5.12 -9.48 -26.20
N PRO A 189 -4.46 -9.63 -27.39
CA PRO A 189 -5.13 -9.41 -28.69
C PRO A 189 -6.50 -10.10 -28.88
N SER A 190 -7.47 -9.34 -29.39
CA SER A 190 -8.81 -9.86 -29.60
C SER A 190 -8.76 -11.03 -30.56
N SER A 191 -7.89 -10.93 -31.56
CA SER A 191 -7.65 -12.03 -32.49
C SER A 191 -7.08 -13.27 -31.80
N THR A 192 -6.28 -13.10 -30.75
CA THR A 192 -5.62 -14.24 -30.11
C THR A 192 -6.60 -15.03 -29.27
N TRP A 193 -7.26 -14.38 -28.33
CA TRP A 193 -8.19 -15.07 -27.45
C TRP A 193 -9.59 -15.05 -28.08
N PRO A 194 -10.28 -16.20 -28.12
CA PRO A 194 -9.97 -17.52 -27.57
C PRO A 194 -9.21 -18.52 -28.46
N SER A 195 -8.85 -18.16 -29.68
CA SER A 195 -7.97 -19.02 -30.51
C SER A 195 -6.72 -19.42 -29.72
N GLU A 196 -6.25 -18.51 -28.87
CA GLU A 196 -5.04 -18.66 -28.09
C GLU A 196 -5.42 -18.81 -26.62
N THR A 197 -4.90 -19.85 -25.97
CA THR A 197 -5.24 -20.15 -24.58
C THR A 197 -4.67 -19.10 -23.63
N VAL A 198 -5.49 -18.68 -22.66
CA VAL A 198 -5.06 -17.79 -21.60
C VAL A 198 -5.44 -18.40 -20.25
N THR A 199 -4.43 -18.65 -19.42
CA THR A 199 -4.59 -19.36 -18.16
C THR A 199 -3.86 -18.61 -17.05
N CYS A 200 -4.54 -18.32 -15.94
CA CYS A 200 -3.86 -17.65 -14.84
C CYS A 200 -3.37 -18.68 -13.83
N ASN A 201 -2.16 -18.48 -13.30
CA ASN A 201 -1.55 -19.41 -12.36
C ASN A 201 -1.49 -18.73 -10.99
N VAL A 202 -2.18 -19.29 -10.01
CA VAL A 202 -2.31 -18.67 -8.70
C VAL A 202 -1.61 -19.56 -7.70
N ALA A 203 -0.84 -18.95 -6.82
CA ALA A 203 -0.13 -19.67 -5.79
C ALA A 203 -0.45 -19.03 -4.46
N HIS A 204 -0.69 -19.88 -3.47
CA HIS A 204 -0.86 -19.46 -2.09
C HIS A 204 0.00 -20.41 -1.27
N PRO A 205 1.29 -20.07 -1.07
CA PRO A 205 2.22 -20.99 -0.40
C PRO A 205 1.78 -21.45 0.98
N ALA A 206 1.12 -20.58 1.73
CA ALA A 206 0.74 -20.89 3.10
C ALA A 206 -0.18 -22.13 3.15
N SER A 207 -0.91 -22.38 2.07
CA SER A 207 -1.77 -23.57 1.99
C SER A 207 -1.30 -24.61 0.98
N SER A 208 -0.06 -24.49 0.50
CA SER A 208 0.45 -25.33 -0.60
C SER A 208 -0.51 -25.44 -1.79
N THR A 209 -1.20 -24.33 -2.08
CA THR A 209 -2.12 -24.23 -3.21
C THR A 209 -1.41 -23.75 -4.48
N LYS A 210 -1.60 -24.47 -5.58
CA LYS A 210 -1.17 -24.03 -6.90
C LYS A 210 -2.31 -24.33 -7.85
N VAL A 211 -2.92 -23.30 -8.43
CA VAL A 211 -4.04 -23.48 -9.34
C VAL A 211 -3.86 -22.74 -10.65
N ASP A 212 -4.06 -23.46 -11.75
CA ASP A 212 -4.17 -22.82 -13.05
C ASP A 212 -5.64 -22.74 -13.39
N LYS A 213 -6.10 -21.60 -13.89
CA LYS A 213 -7.49 -21.49 -14.31
C LYS A 213 -7.59 -20.88 -15.70
N LYS A 214 -8.09 -21.68 -16.64
CA LYS A 214 -8.21 -21.26 -18.02
C LYS A 214 -9.44 -20.38 -18.18
N ILE A 215 -9.30 -19.31 -18.96
CA ILE A 215 -10.41 -18.40 -19.19
C ILE A 215 -11.16 -18.86 -20.46
N VAL A 216 -12.21 -19.65 -20.24
CA VAL A 216 -13.13 -20.08 -21.28
C VAL A 216 -14.10 -18.94 -21.63
N PRO A 217 -14.35 -18.69 -22.93
CA PRO A 217 -15.43 -17.75 -23.23
C PRO A 217 -16.78 -18.38 -22.87
N ARG A 218 -17.74 -17.56 -22.46
CA ARG A 218 -19.01 -18.12 -22.00
C ARG A 218 -20.03 -18.04 -23.12
N ASP A 219 -21.02 -18.94 -23.09
CA ASP A 219 -22.14 -18.98 -24.07
C ASP A 219 -23.49 -19.05 -23.35
N ASP B 1 0.25 17.01 21.41
CA ASP B 1 1.32 16.55 20.48
C ASP B 1 1.58 17.56 19.41
N ILE B 2 2.79 17.52 18.86
CA ILE B 2 3.13 18.40 17.76
C ILE B 2 2.57 17.81 16.47
N LEU B 3 1.86 18.66 15.73
CA LEU B 3 1.18 18.29 14.51
C LEU B 3 2.07 18.63 13.35
N MET B 4 2.29 17.70 12.45
CA MET B 4 3.13 17.97 11.29
C MET B 4 2.36 17.89 9.98
N ASN B 5 2.22 19.03 9.30
CA ASN B 5 1.34 19.10 8.12
C ASN B 5 2.18 19.26 6.89
N GLN B 6 2.17 18.24 6.04
CA GLN B 6 2.88 18.30 4.79
C GLN B 6 1.94 18.78 3.70
N THR B 7 2.51 19.52 2.75
CA THR B 7 1.79 19.90 1.55
C THR B 7 2.83 20.01 0.43
N PRO B 8 2.43 19.69 -0.82
CA PRO B 8 1.14 19.11 -1.19
C PRO B 8 1.07 17.63 -0.73
N LEU B 9 -0.14 17.04 -0.75
CA LEU B 9 -0.34 15.59 -0.60
C LEU B 9 0.34 14.82 -1.71
N SER B 10 0.15 15.31 -2.94
CA SER B 10 0.67 14.67 -4.14
C SER B 10 1.29 15.75 -5.02
N LEU B 11 2.41 15.43 -5.68
CA LEU B 11 3.09 16.36 -6.57
C LEU B 11 3.54 15.67 -7.88
N PRO B 12 2.83 15.95 -8.99
CA PRO B 12 3.34 15.41 -10.26
C PRO B 12 4.51 16.24 -10.82
N VAL B 13 5.43 15.58 -11.53
CA VAL B 13 6.65 16.24 -12.04
C VAL B 13 7.27 15.49 -13.23
N SER B 14 8.01 16.23 -14.08
CA SER B 14 8.77 15.67 -15.20
C SER B 14 10.28 15.59 -14.77
N LEU B 15 10.84 14.40 -15.35
CA LEU B 15 12.22 14.08 -15.04
C LEU B 15 13.06 15.26 -15.46
N GLY B 16 13.70 15.92 -14.50
CA GLY B 16 14.42 17.16 -14.78
C GLY B 16 13.80 18.41 -14.15
N ASP B 17 12.55 18.32 -13.68
CA ASP B 17 11.89 19.42 -12.98
C ASP B 17 12.51 19.64 -11.62
N GLN B 18 12.25 20.81 -11.04
CA GLN B 18 12.59 21.07 -9.65
C GLN B 18 11.31 20.92 -8.85
N ALA B 19 11.43 20.48 -7.60
CA ALA B 19 10.28 20.23 -6.74
C ALA B 19 10.46 20.86 -5.36
N SER B 20 9.36 21.26 -4.73
CA SER B 20 9.41 21.87 -3.39
C SER B 20 8.33 21.31 -2.49
N ILE B 21 8.73 20.70 -1.37
CA ILE B 21 7.82 20.05 -0.44
C ILE B 21 7.82 20.81 0.89
N SER B 22 6.63 21.03 1.44
CA SER B 22 6.45 21.87 2.61
C SER B 22 6.07 21.00 3.79
N CYS B 23 6.55 21.38 4.97
CA CYS B 23 6.14 20.78 6.22
C CYS B 23 5.98 21.89 7.25
N ARG B 24 4.80 21.96 7.88
CA ARG B 24 4.51 22.97 8.87
C ARG B 24 4.19 22.35 10.21
N SER B 25 4.87 22.80 11.26
CA SER B 25 4.66 22.27 12.62
C SER B 25 3.68 23.10 13.43
N SER B 26 2.88 22.46 14.29
CA SER B 26 1.90 23.18 15.11
C SER B 26 2.54 23.99 16.23
N GLN B 27 3.80 23.70 16.54
CA GLN B 27 4.58 24.43 17.53
C GLN B 27 6.02 24.52 17.07
N TYR B 28 6.82 25.23 17.86
CA TYR B 28 8.27 25.24 17.69
C TYR B 28 8.84 23.86 18.06
N ILE B 29 9.85 23.42 17.30
CA ILE B 29 10.43 22.09 17.44
C ILE B 29 11.94 22.15 17.72
N VAL B 30 12.33 22.99 18.69
CA VAL B 30 13.70 23.05 19.16
C VAL B 30 13.76 22.23 20.44
N HIS B 31 14.52 21.15 20.40
CA HIS B 31 14.73 20.29 21.58
C HIS B 31 15.35 21.12 22.72
N ARG B 32 15.03 20.73 23.95
CA ARG B 32 15.74 21.24 25.11
C ARG B 32 17.27 21.37 24.93
N ASN B 33 17.92 20.53 24.13
CA ASN B 33 19.38 20.56 23.98
C ASN B 33 19.83 21.56 22.94
N GLY B 34 18.86 22.28 22.38
CA GLY B 34 19.17 23.37 21.47
C GLY B 34 19.08 23.00 20.02
N ASN B 35 19.08 21.70 19.72
CA ASN B 35 18.98 21.21 18.33
C ASN B 35 17.54 21.16 17.83
N THR B 36 17.37 21.48 16.54
CA THR B 36 16.10 21.34 15.82
C THR B 36 16.05 20.03 15.03
N TYR B 37 15.40 19.02 15.61
CA TYR B 37 15.36 17.66 15.04
C TYR B 37 14.26 17.50 13.99
N LEU B 38 14.34 18.30 12.93
CA LEU B 38 13.46 18.17 11.76
C LEU B 38 14.19 17.30 10.74
N GLU B 39 13.57 16.19 10.37
CA GLU B 39 14.18 15.24 9.44
C GLU B 39 13.27 14.99 8.26
N TRP B 40 13.87 14.67 7.11
CA TRP B 40 13.18 14.36 5.88
C TRP B 40 13.55 12.98 5.43
N TYR B 41 12.52 12.18 5.17
CA TYR B 41 12.61 10.81 4.71
C TYR B 41 11.94 10.67 3.34
N LEU B 42 12.57 9.83 2.51
CA LEU B 42 12.00 9.34 1.28
C LEU B 42 11.78 7.84 1.42
N GLN B 43 10.60 7.37 1.03
CA GLN B 43 10.27 5.93 1.01
C GLN B 43 9.82 5.48 -0.39
N LYS B 44 10.47 4.44 -0.94
CA LYS B 44 10.03 3.74 -2.16
C LYS B 44 9.02 2.66 -1.82
N PRO B 45 8.23 2.21 -2.81
CA PRO B 45 7.33 1.10 -2.51
C PRO B 45 8.07 -0.13 -2.02
N GLY B 46 7.60 -0.69 -0.91
CA GLY B 46 8.17 -1.92 -0.38
C GLY B 46 9.56 -1.79 0.21
N GLN B 47 9.97 -0.57 0.53
CA GLN B 47 11.25 -0.34 1.17
C GLN B 47 11.02 0.45 2.43
N SER B 48 11.96 0.36 3.36
CA SER B 48 11.94 1.20 4.51
C SER B 48 12.26 2.64 4.09
N PRO B 49 11.70 3.64 4.78
CA PRO B 49 12.13 5.04 4.62
C PRO B 49 13.62 5.19 4.84
N LYS B 50 14.20 6.16 4.14
CA LYS B 50 15.63 6.43 4.22
C LYS B 50 15.83 7.91 4.45
N LEU B 51 16.78 8.22 5.31
CA LEU B 51 17.00 9.58 5.73
C LEU B 51 17.67 10.39 4.62
N LEU B 52 17.13 11.57 4.38
CA LEU B 52 17.72 12.49 3.41
C LEU B 52 18.38 13.69 4.09
N ILE B 53 17.62 14.31 4.99
CA ILE B 53 17.98 15.58 5.61
C ILE B 53 17.77 15.47 7.11
N TYR B 54 18.80 15.86 7.87
CA TYR B 54 18.72 15.87 9.32
C TYR B 54 19.10 17.22 9.91
N LYS B 55 18.56 17.48 11.10
CA LYS B 55 18.72 18.77 11.75
C LYS B 55 18.49 19.84 10.69
N VAL B 56 17.32 19.78 10.07
CA VAL B 56 16.82 20.82 9.13
C VAL B 56 17.46 20.84 7.76
N SER B 57 18.79 20.94 7.71
CA SER B 57 19.48 21.40 6.50
C SER B 57 20.67 20.54 6.12
N ASN B 58 20.94 19.49 6.88
CA ASN B 58 22.17 18.75 6.66
C ASN B 58 21.84 17.53 5.82
N ARG B 59 22.64 17.27 4.79
CA ARG B 59 22.47 16.10 3.94
C ARG B 59 23.11 14.87 4.57
N PHE B 60 22.40 13.75 4.53
CA PHE B 60 22.88 12.49 5.03
C PHE B 60 23.87 11.81 4.09
N SER B 61 24.56 10.77 4.59
CA SER B 61 25.52 9.96 3.82
C SER B 61 24.98 9.51 2.46
N GLY B 62 25.61 9.97 1.37
CA GLY B 62 25.22 9.55 0.02
C GLY B 62 23.97 10.19 -0.53
N VAL B 63 23.56 11.32 0.04
CA VAL B 63 22.42 12.07 -0.49
C VAL B 63 22.99 13.07 -1.49
N PRO B 64 22.51 13.03 -2.75
CA PRO B 64 23.01 13.94 -3.78
C PRO B 64 22.84 15.43 -3.47
N ASP B 65 23.69 16.25 -4.07
CA ASP B 65 23.64 17.71 -3.94
C ASP B 65 22.27 18.31 -4.29
N ARG B 66 21.60 17.75 -5.28
CA ARG B 66 20.30 18.24 -5.71
C ARG B 66 19.22 18.27 -4.61
N PHE B 67 19.44 17.54 -3.52
CA PHE B 67 18.58 17.61 -2.34
C PHE B 67 19.06 18.66 -1.35
N SER B 68 18.15 19.49 -0.85
CA SER B 68 18.48 20.48 0.17
C SER B 68 17.25 20.75 1.07
N GLY B 69 17.53 21.07 2.32
CA GLY B 69 16.52 21.45 3.31
C GLY B 69 16.84 22.92 3.81
N SER B 70 15.70 23.53 4.28
CA SER B 70 15.76 24.79 5.00
C SER B 70 14.54 24.93 5.92
N GLY B 71 14.50 26.01 6.70
CA GLY B 71 13.35 26.28 7.55
C GLY B 71 13.70 26.70 8.94
N SER B 72 12.70 27.18 9.69
CA SER B 72 12.86 27.57 11.09
C SER B 72 11.47 27.80 11.67
N GLY B 73 11.38 27.89 12.99
CA GLY B 73 10.10 28.15 13.64
C GLY B 73 9.11 27.01 13.44
N THR B 74 8.10 27.28 12.62
CA THR B 74 7.05 26.32 12.29
C THR B 74 7.08 25.95 10.82
N ASP B 75 8.08 26.44 10.08
CA ASP B 75 8.09 26.32 8.64
C ASP B 75 9.32 25.69 8.06
N PHE B 76 9.14 24.61 7.32
CA PHE B 76 10.27 23.89 6.77
C PHE B 76 9.97 23.46 5.38
N THR B 77 11.05 23.29 4.62
CA THR B 77 10.89 22.97 3.24
C THR B 77 12.03 22.04 2.85
N LEU B 78 11.65 21.13 1.92
CA LEU B 78 12.63 20.34 1.21
C LEU B 78 12.51 20.71 -0.26
N LYS B 79 13.63 20.99 -0.92
CA LYS B 79 13.62 21.27 -2.34
C LYS B 79 14.57 20.33 -3.09
N ILE B 80 14.08 19.83 -4.23
CA ILE B 80 14.87 19.04 -5.17
C ILE B 80 15.00 19.89 -6.42
N SER B 81 16.19 19.94 -6.98
CA SER B 81 16.49 20.88 -8.03
C SER B 81 16.30 20.30 -9.42
N ARG B 82 16.67 19.03 -9.60
CA ARG B 82 16.43 18.34 -10.86
C ARG B 82 16.05 16.93 -10.52
N VAL B 83 14.75 16.68 -10.42
CA VAL B 83 14.23 15.37 -10.07
C VAL B 83 14.68 14.33 -11.09
N GLU B 84 15.28 13.24 -10.61
CA GLU B 84 15.60 12.05 -11.41
C GLU B 84 14.70 10.88 -11.01
N ALA B 85 14.65 9.87 -11.86
CA ALA B 85 13.78 8.71 -11.69
C ALA B 85 13.89 8.09 -10.29
N GLU B 86 15.11 8.01 -9.76
CA GLU B 86 15.35 7.49 -8.41
C GLU B 86 14.74 8.33 -7.27
N ASP B 87 14.25 9.54 -7.57
CA ASP B 87 13.73 10.42 -6.53
C ASP B 87 12.25 10.22 -6.27
N LEU B 88 11.59 9.52 -7.18
CA LEU B 88 10.15 9.31 -7.09
C LEU B 88 9.85 8.38 -5.91
N GLY B 89 8.83 8.74 -5.14
CA GLY B 89 8.42 8.01 -3.93
C GLY B 89 7.60 8.92 -3.02
N VAL B 90 7.53 8.57 -1.74
CA VAL B 90 6.74 9.34 -0.77
C VAL B 90 7.70 10.01 0.23
N TYR B 91 7.52 11.31 0.41
CA TYR B 91 8.44 12.09 1.23
C TYR B 91 7.75 12.35 2.51
N TYR B 92 8.47 12.23 3.64
CA TYR B 92 7.88 12.50 4.95
C TYR B 92 8.78 13.42 5.76
N CYS B 93 8.16 14.29 6.55
CA CYS B 93 8.86 15.09 7.55
C CYS B 93 8.61 14.52 8.95
N PHE B 94 9.59 14.71 9.83
CA PHE B 94 9.60 14.17 11.20
C PHE B 94 10.20 15.17 12.19
N GLN B 95 9.54 15.35 13.33
CA GLN B 95 10.13 16.08 14.43
C GLN B 95 10.43 15.13 15.59
N GLY B 96 11.71 15.12 15.98
CA GLY B 96 12.18 14.44 17.20
C GLY B 96 12.58 15.38 18.33
N SER B 97 11.93 16.53 18.43
CA SER B 97 12.26 17.50 19.50
C SER B 97 11.35 17.31 20.72
N HIS B 98 10.06 17.09 20.48
CA HIS B 98 9.11 17.00 21.56
C HIS B 98 8.40 15.66 21.56
N VAL B 99 8.62 14.89 22.63
CA VAL B 99 7.91 13.64 22.86
C VAL B 99 6.39 13.93 22.97
N PRO B 100 5.55 13.22 22.19
CA PRO B 100 5.86 12.12 21.28
C PRO B 100 6.29 12.60 19.91
N TYR B 101 7.31 11.97 19.36
CA TYR B 101 7.80 12.41 18.07
C TYR B 101 6.71 12.11 17.04
N THR B 102 6.67 12.90 15.96
CA THR B 102 5.57 12.84 15.01
C THR B 102 6.01 13.03 13.56
N PHE B 103 5.26 12.41 12.65
CA PHE B 103 5.51 12.49 11.22
C PHE B 103 4.43 13.30 10.54
N GLY B 104 4.79 13.91 9.42
CA GLY B 104 3.82 14.50 8.50
C GLY B 104 3.08 13.41 7.76
N GLY B 105 2.12 13.81 6.92
CA GLY B 105 1.20 12.87 6.32
C GLY B 105 1.77 12.29 5.06
N GLY B 106 2.89 12.83 4.61
CA GLY B 106 3.53 12.35 3.39
C GLY B 106 3.20 13.21 2.19
N THR B 107 4.15 13.26 1.26
CA THR B 107 3.97 13.85 -0.07
C THR B 107 4.48 12.90 -1.16
N LYS B 108 3.60 12.50 -2.07
CA LYS B 108 3.99 11.57 -3.12
C LYS B 108 4.56 12.28 -4.35
N LEU B 109 5.75 11.86 -4.76
CA LEU B 109 6.43 12.42 -5.89
C LEU B 109 6.26 11.43 -7.05
N GLU B 110 5.36 11.75 -7.99
CA GLU B 110 5.11 10.86 -9.14
C GLU B 110 5.27 11.54 -10.49
N LEU B 111 5.50 10.69 -11.49
CA LEU B 111 5.95 11.10 -12.82
C LEU B 111 4.78 11.58 -13.68
N LYS B 112 4.95 12.70 -14.35
CA LYS B 112 3.87 13.27 -15.13
C LYS B 112 3.67 12.59 -16.48
N ARG B 113 2.42 12.58 -16.93
CA ARG B 113 2.09 12.05 -18.24
C ARG B 113 0.80 12.69 -18.78
N ALA B 114 0.53 12.39 -20.04
CA ALA B 114 -0.64 12.90 -20.69
C ALA B 114 -1.86 12.18 -20.13
N ASP B 115 -3.00 12.84 -20.19
CA ASP B 115 -4.22 12.27 -19.71
C ASP B 115 -4.60 11.03 -20.50
N ALA B 116 -5.24 10.12 -19.79
CA ALA B 116 -5.84 8.93 -20.38
C ALA B 116 -7.12 8.54 -19.63
N ALA B 117 -8.15 8.23 -20.40
CA ALA B 117 -9.37 7.66 -19.88
C ALA B 117 -9.18 6.21 -19.37
N PRO B 118 -9.99 5.85 -18.38
CA PRO B 118 -9.95 4.46 -17.98
C PRO B 118 -10.58 3.57 -19.07
N THR B 119 -10.00 2.41 -19.29
CA THR B 119 -10.62 1.36 -20.10
C THR B 119 -11.43 0.50 -19.13
N VAL B 120 -12.75 0.60 -19.22
CA VAL B 120 -13.65 0.00 -18.24
C VAL B 120 -14.11 -1.35 -18.78
N SER B 121 -14.07 -2.39 -17.95
CA SER B 121 -14.52 -3.72 -18.32
C SER B 121 -15.33 -4.32 -17.18
N ILE B 122 -16.52 -4.82 -17.49
CA ILE B 122 -17.40 -5.44 -16.48
C ILE B 122 -17.44 -6.96 -16.68
N PHE B 123 -17.40 -7.72 -15.60
CA PHE B 123 -17.43 -9.19 -15.64
C PHE B 123 -18.50 -9.80 -14.73
N PRO B 124 -19.44 -10.58 -15.31
CA PRO B 124 -20.41 -11.27 -14.45
C PRO B 124 -19.77 -12.36 -13.59
N PRO B 125 -20.43 -12.79 -12.52
CA PRO B 125 -19.95 -13.91 -11.71
C PRO B 125 -19.78 -15.17 -12.53
N SER B 126 -18.75 -15.95 -12.24
CA SER B 126 -18.60 -17.27 -12.88
C SER B 126 -19.67 -18.20 -12.32
N SER B 127 -20.07 -19.16 -13.13
CA SER B 127 -20.92 -20.25 -12.68
C SER B 127 -20.32 -20.96 -11.47
N GLU B 128 -18.99 -21.12 -11.43
CA GLU B 128 -18.31 -21.69 -10.26
C GLU B 128 -18.58 -20.96 -8.96
N GLN B 129 -18.55 -19.64 -9.02
CA GLN B 129 -18.78 -18.88 -7.80
C GLN B 129 -20.23 -19.02 -7.35
N LEU B 130 -21.16 -18.99 -8.31
CA LEU B 130 -22.58 -19.10 -7.98
C LEU B 130 -22.87 -20.43 -7.26
N THR B 131 -22.19 -21.49 -7.69
CA THR B 131 -22.32 -22.77 -7.01
C THR B 131 -21.92 -22.63 -5.55
N SER B 132 -20.89 -21.85 -5.28
CA SER B 132 -20.40 -21.62 -3.92
C SER B 132 -21.23 -20.65 -3.10
N GLY B 133 -22.31 -20.12 -3.67
CA GLY B 133 -23.26 -19.31 -2.87
C GLY B 133 -23.06 -17.80 -2.97
N GLY B 134 -22.03 -17.39 -3.70
CA GLY B 134 -21.63 -15.97 -3.78
C GLY B 134 -21.67 -15.46 -5.22
N ALA B 135 -21.70 -14.15 -5.36
CA ALA B 135 -21.73 -13.51 -6.66
C ALA B 135 -20.93 -12.24 -6.62
N SER B 136 -19.71 -12.27 -7.16
CA SER B 136 -18.88 -11.08 -7.28
C SER B 136 -18.91 -10.55 -8.68
N VAL B 137 -19.39 -9.32 -8.84
CA VAL B 137 -19.39 -8.67 -10.15
C VAL B 137 -18.15 -7.76 -10.15
N VAL B 138 -17.25 -7.94 -11.11
CA VAL B 138 -15.98 -7.23 -11.12
C VAL B 138 -15.96 -6.23 -12.26
N CYS B 139 -15.51 -5.03 -11.94
CA CYS B 139 -15.25 -3.98 -12.90
C CYS B 139 -13.80 -3.52 -12.80
N PHE B 140 -13.06 -3.55 -13.92
CA PHE B 140 -11.73 -2.98 -13.99
C PHE B 140 -11.76 -1.62 -14.69
N LEU B 141 -11.04 -0.66 -14.11
CA LEU B 141 -10.84 0.66 -14.68
C LEU B 141 -9.36 0.83 -14.86
N ASN B 142 -8.89 0.56 -16.08
CA ASN B 142 -7.50 0.37 -16.32
C ASN B 142 -6.83 1.51 -17.08
N ASN B 143 -5.60 1.79 -16.67
CA ASN B 143 -4.71 2.71 -17.37
C ASN B 143 -5.27 4.14 -17.52
N PHE B 144 -5.46 4.84 -16.41
CA PHE B 144 -6.03 6.19 -16.45
C PHE B 144 -5.15 7.25 -15.81
N TYR B 145 -5.36 8.50 -16.20
CA TYR B 145 -4.57 9.60 -15.66
C TYR B 145 -5.34 10.91 -15.81
N PRO B 146 -5.44 11.72 -14.76
CA PRO B 146 -4.79 11.59 -13.45
C PRO B 146 -5.44 10.55 -12.53
N LYS B 147 -4.89 10.45 -11.32
CA LYS B 147 -5.30 9.39 -10.37
C LYS B 147 -6.76 9.46 -9.93
N ASP B 148 -7.28 10.66 -9.78
CA ASP B 148 -8.62 10.84 -9.23
C ASP B 148 -9.65 10.17 -10.16
N ILE B 149 -10.60 9.45 -9.55
CA ILE B 149 -11.62 8.73 -10.31
C ILE B 149 -12.75 8.34 -9.39
N ASN B 150 -13.95 8.29 -9.95
CA ASN B 150 -15.13 7.84 -9.23
C ASN B 150 -15.84 6.69 -9.93
N VAL B 151 -16.16 5.64 -9.16
CA VAL B 151 -16.86 4.45 -9.67
C VAL B 151 -18.17 4.22 -8.94
N LYS B 152 -19.19 3.87 -9.70
CA LYS B 152 -20.56 3.77 -9.19
C LYS B 152 -21.21 2.54 -9.77
N TRP B 153 -21.85 1.76 -8.90
CA TRP B 153 -22.58 0.57 -9.30
C TRP B 153 -24.07 0.87 -9.32
N LYS B 154 -24.76 0.40 -10.35
CA LYS B 154 -26.21 0.43 -10.38
C LYS B 154 -26.77 -0.95 -10.70
N ILE B 155 -27.82 -1.30 -9.97
CA ILE B 155 -28.54 -2.54 -10.19
C ILE B 155 -30.00 -2.23 -10.51
N ASP B 156 -30.43 -2.66 -11.70
CA ASP B 156 -31.78 -2.37 -12.20
C ASP B 156 -32.16 -0.90 -11.98
N GLY B 157 -31.25 -0.02 -12.37
CA GLY B 157 -31.49 1.42 -12.33
C GLY B 157 -31.09 2.11 -11.03
N SER B 158 -30.90 1.36 -9.94
CA SER B 158 -30.66 1.96 -8.63
C SER B 158 -29.20 1.87 -8.23
N GLU B 159 -28.64 2.99 -7.76
CA GLU B 159 -27.26 2.98 -7.23
C GLU B 159 -27.20 2.02 -6.07
N ARG B 160 -26.12 1.26 -6.01
CA ARG B 160 -25.92 0.26 -4.98
C ARG B 160 -24.62 0.62 -4.30
N GLN B 161 -24.72 0.94 -3.02
CA GLN B 161 -23.55 1.32 -2.24
C GLN B 161 -22.96 0.15 -1.43
N ASN B 162 -23.78 -0.71 -0.82
CA ASN B 162 -23.21 -1.77 0.04
C ASN B 162 -22.74 -2.99 -0.75
N GLY B 163 -21.61 -3.57 -0.33
CA GLY B 163 -21.03 -4.72 -0.98
C GLY B 163 -19.94 -4.40 -1.99
N VAL B 164 -19.57 -3.12 -2.10
CA VAL B 164 -18.56 -2.65 -3.07
C VAL B 164 -17.17 -2.48 -2.45
N LEU B 165 -16.17 -3.16 -2.98
CA LEU B 165 -14.80 -2.97 -2.52
C LEU B 165 -13.88 -2.61 -3.69
N ASN B 166 -13.01 -1.64 -3.42
CA ASN B 166 -12.13 -1.06 -4.43
C ASN B 166 -10.66 -1.27 -4.08
N SER B 167 -9.84 -1.47 -5.11
CA SER B 167 -8.40 -1.64 -4.92
C SER B 167 -7.65 -0.93 -6.06
N TRP B 168 -6.58 -0.24 -5.71
CA TRP B 168 -5.90 0.70 -6.63
C TRP B 168 -4.47 0.25 -6.80
N THR B 169 -3.93 0.34 -8.01
CA THR B 169 -2.50 0.11 -8.22
C THR B 169 -1.68 1.39 -8.05
N ASP B 170 -0.37 1.24 -7.84
CA ASP B 170 0.56 2.37 -7.87
C ASP B 170 0.78 2.71 -9.34
N GLN B 171 1.56 3.75 -9.61
CA GLN B 171 1.86 4.18 -10.97
C GLN B 171 2.68 3.13 -11.73
N ASP B 172 2.25 2.82 -12.95
CA ASP B 172 2.83 1.75 -13.77
C ASP B 172 4.27 2.10 -14.23
N SER B 173 5.21 1.16 -14.03
CA SER B 173 6.61 1.39 -14.39
C SER B 173 6.77 1.73 -15.85
N LYS B 174 6.06 0.98 -16.69
CA LYS B 174 6.20 1.11 -18.14
C LYS B 174 5.52 2.36 -18.72
N ASP B 175 4.28 2.66 -18.32
CA ASP B 175 3.53 3.74 -18.97
C ASP B 175 3.12 4.94 -18.08
N SER B 176 3.37 4.79 -16.75
CA SER B 176 3.11 5.87 -15.77
C SER B 176 1.62 6.07 -15.38
N THR B 177 0.75 5.21 -15.96
CA THR B 177 -0.65 5.25 -15.57
C THR B 177 -0.99 4.45 -14.29
N TYR B 178 -2.26 4.54 -13.89
CA TYR B 178 -2.83 3.80 -12.77
C TYR B 178 -3.92 2.90 -13.26
N SER B 179 -4.35 2.01 -12.38
CA SER B 179 -5.40 1.06 -12.66
C SER B 179 -6.15 0.76 -11.36
N MET B 180 -7.44 0.51 -11.48
CA MET B 180 -8.32 0.27 -10.33
C MET B 180 -9.31 -0.87 -10.60
N SER B 181 -9.69 -1.60 -9.55
CA SER B 181 -10.76 -2.61 -9.62
C SER B 181 -11.83 -2.21 -8.65
N SER B 182 -13.07 -2.42 -9.04
CA SER B 182 -14.21 -2.23 -8.17
C SER B 182 -14.99 -3.52 -8.23
N THR B 183 -15.26 -4.10 -7.06
CA THR B 183 -15.88 -5.41 -6.97
C THR B 183 -17.09 -5.34 -6.08
N LEU B 184 -18.23 -5.69 -6.67
CA LEU B 184 -19.50 -5.74 -5.97
C LEU B 184 -19.81 -7.19 -5.63
N THR B 185 -19.85 -7.48 -4.34
CA THR B 185 -20.12 -8.83 -3.91
C THR B 185 -21.48 -8.97 -3.28
N LEU B 186 -22.21 -9.94 -3.78
CA LEU B 186 -23.59 -10.21 -3.37
C LEU B 186 -23.70 -11.69 -3.07
N THR B 187 -24.74 -12.08 -2.36
CA THR B 187 -25.08 -13.50 -2.31
C THR B 187 -25.66 -13.92 -3.64
N LYS B 188 -25.59 -15.21 -3.91
CA LYS B 188 -26.21 -15.77 -5.12
C LYS B 188 -27.66 -15.37 -5.18
N ASP B 189 -28.36 -15.50 -4.07
CA ASP B 189 -29.79 -15.21 -4.03
C ASP B 189 -30.08 -13.79 -4.37
N GLU B 190 -29.37 -12.84 -3.80
CA GLU B 190 -29.65 -11.48 -4.19
C GLU B 190 -29.21 -11.17 -5.63
N TYR B 191 -28.12 -11.77 -6.10
CA TYR B 191 -27.72 -11.60 -7.51
C TYR B 191 -28.83 -11.98 -8.50
N GLU B 192 -29.53 -13.06 -8.17
CA GLU B 192 -30.59 -13.59 -9.04
C GLU B 192 -31.97 -12.96 -8.81
N ARG B 193 -32.05 -12.00 -7.88
CA ARG B 193 -33.23 -11.08 -7.78
C ARG B 193 -33.16 -9.88 -8.74
N HIS B 194 -32.07 -9.72 -9.47
CA HIS B 194 -31.93 -8.55 -10.33
C HIS B 194 -31.38 -8.92 -11.70
N ASN B 195 -31.57 -8.04 -12.67
CA ASN B 195 -31.29 -8.38 -14.06
C ASN B 195 -30.16 -7.54 -14.62
N SER B 196 -30.25 -6.23 -14.43
CA SER B 196 -29.29 -5.30 -15.03
C SER B 196 -28.21 -4.86 -14.00
N TYR B 197 -26.94 -4.97 -14.40
CA TYR B 197 -25.80 -4.58 -13.56
C TYR B 197 -24.90 -3.63 -14.32
N THR B 198 -24.59 -2.50 -13.69
CA THR B 198 -23.87 -1.45 -14.35
C THR B 198 -22.70 -0.96 -13.52
N CYS B 199 -21.56 -0.83 -14.17
CA CYS B 199 -20.42 -0.17 -13.57
C CYS B 199 -20.19 1.17 -14.31
N GLU B 200 -20.17 2.27 -13.54
CA GLU B 200 -20.05 3.64 -14.07
C GLU B 200 -18.82 4.36 -13.57
N ALA B 201 -17.97 4.80 -14.48
CA ALA B 201 -16.74 5.51 -14.15
C ALA B 201 -16.82 6.97 -14.57
N THR B 202 -16.58 7.88 -13.63
CA THR B 202 -16.53 9.30 -13.92
C THR B 202 -15.12 9.85 -13.66
N HIS B 203 -14.58 10.51 -14.67
CA HIS B 203 -13.19 10.87 -14.69
C HIS B 203 -13.06 12.25 -15.32
N LYS B 204 -11.95 12.93 -15.02
CA LYS B 204 -11.63 14.27 -15.54
C LYS B 204 -11.71 14.38 -17.06
N THR B 205 -11.34 13.29 -17.73
CA THR B 205 -11.26 13.24 -19.17
C THR B 205 -12.62 13.46 -19.86
N SER B 206 -13.70 12.92 -19.32
CA SER B 206 -15.02 13.09 -19.92
C SER B 206 -16.02 13.71 -18.96
N THR B 207 -16.89 14.58 -19.48
CA THR B 207 -18.05 15.08 -18.70
C THR B 207 -19.17 14.04 -18.65
N SER B 208 -19.12 13.06 -19.54
CA SER B 208 -20.05 11.94 -19.49
C SER B 208 -19.35 10.81 -18.77
N PRO B 209 -20.07 10.07 -17.91
CA PRO B 209 -19.46 8.89 -17.32
C PRO B 209 -19.32 7.79 -18.36
N ILE B 210 -18.37 6.89 -18.15
CA ILE B 210 -18.21 5.68 -18.96
C ILE B 210 -18.97 4.56 -18.25
N VAL B 211 -19.88 3.92 -19.00
CA VAL B 211 -20.87 3.01 -18.46
C VAL B 211 -20.71 1.66 -19.14
N LYS B 212 -20.34 0.62 -18.40
CA LYS B 212 -20.38 -0.73 -18.93
C LYS B 212 -21.42 -1.52 -18.17
N SER B 213 -22.05 -2.49 -18.83
CA SER B 213 -23.12 -3.19 -18.17
C SER B 213 -23.43 -4.54 -18.77
N PHE B 214 -24.24 -5.33 -18.06
CA PHE B 214 -24.83 -6.53 -18.66
C PHE B 214 -26.19 -6.82 -18.07
N ASN B 215 -26.91 -7.69 -18.75
CA ASN B 215 -28.20 -8.16 -18.29
C ASN B 215 -28.11 -9.66 -18.08
N ARG B 216 -28.60 -10.11 -16.94
CA ARG B 216 -28.71 -11.55 -16.64
C ARG B 216 -29.67 -12.27 -17.59
N ASN B 217 -30.80 -11.63 -17.97
CA ASN B 217 -31.71 -12.25 -18.97
C ASN B 217 -30.86 -12.92 -20.08
N GLU B 218 -29.82 -12.21 -20.54
CA GLU B 218 -28.84 -12.70 -21.53
C GLU B 218 -27.67 -13.56 -21.00
N CYS B 219 -27.86 -14.18 -19.83
CA CYS B 219 -26.80 -14.93 -19.14
C CYS B 219 -27.32 -16.32 -18.68
C1 KDA C . 20.11 7.54 28.86
O1B KDA C . 19.45 6.65 29.44
O1A KDA C . 20.90 7.36 27.90
C2 KDA C . 19.87 9.01 29.29
C3 KDA C . 19.04 9.72 28.19
C4 KDA C . 18.57 11.08 28.65
O4 KDA C . 17.70 11.70 27.64
C5 KDA C . 17.81 10.92 29.94
O5 KDA C . 16.73 10.01 29.77
C6 KDA C . 18.77 10.32 31.01
O6 KDA C . 19.17 9.02 30.55
C7 KDA C . 18.04 10.16 32.36
O7 KDA C . 17.67 11.45 32.88
C8 KDA C . 18.94 9.44 33.35
O8 KDA C . 18.09 9.28 34.53
O2 KDA C . 21.10 9.73 29.43
C9 KDA C . 21.97 9.29 30.49
C10 KDA C . 23.03 8.38 29.89
C11 KDA C . 23.29 7.21 30.46
C1 KDO C . 18.51 13.94 28.17
O1A KDO C . 17.66 14.12 29.09
O1B KDO C . 19.62 14.46 28.11
C2 KDO C . 18.17 12.91 27.06
C3 KDO C . 17.05 13.53 26.18
C4 KDO C . 16.80 12.71 24.91
O4 KDO C . 15.80 13.35 24.08
C5 KDO C . 18.08 12.51 24.13
O5 KDO C . 18.58 13.74 23.59
C6 KDO C . 19.13 11.87 25.08
O6 KDO C . 19.38 12.71 26.22
C7 KDO C . 20.52 11.64 24.46
O7 KDO C . 21.24 12.86 24.41
C8 KDO C . 20.47 11.04 23.08
O8 KDO C . 21.74 10.43 22.85
C1 KDO C . 21.04 9.64 20.66
O1A KDO C . 20.69 8.50 21.10
O1B KDO C . 20.63 10.16 19.60
C2 KDO C . 22.12 10.40 21.46
C3 KDO C . 23.40 9.61 21.34
C4 KDO C . 24.54 10.34 22.01
O4 KDO C . 25.79 9.57 21.81
C5 KDO C . 24.69 11.74 21.41
O5 KDO C . 25.07 11.61 20.04
C6 KDO C . 23.39 12.48 21.58
O6 KDO C . 22.31 11.73 20.93
C7 KDO C . 23.39 13.97 21.10
O7 KDO C . 24.69 14.53 21.11
C8 KDO C . 22.65 14.81 22.10
O8 KDO C . 21.33 14.61 21.83
C1 NAG D . -8.26 1.25 17.53
C2 NAG D . -8.97 2.56 17.95
C3 NAG D . -9.79 2.50 19.25
C4 NAG D . -10.66 1.25 19.35
C5 NAG D . -9.94 -0.04 18.91
C6 NAG D . -10.98 -1.07 18.47
C7 NAG D . -7.17 4.01 17.23
C8 NAG D . -6.32 5.19 17.54
N2 NAG D . -8.07 3.69 18.12
O3 NAG D . -10.70 3.60 19.28
O4 NAG D . -11.14 1.11 20.66
O5 NAG D . -9.06 0.09 17.81
O6 NAG D . -11.59 -1.69 19.58
O7 NAG D . -6.98 3.36 16.19
K K E . 29.41 3.75 24.88
C1 PEG F . 11.51 29.07 18.84
O1 PEG F . 12.55 29.28 17.87
C2 PEG F . 11.77 29.84 20.13
O2 PEG F . 12.13 28.93 21.19
C3 PEG F . 13.27 28.14 20.87
C4 PEG F . 14.53 29.00 20.77
O4 PEG F . 15.16 28.88 19.48
#